data_7SHW
#
_entry.id   7SHW
#
_cell.length_a   34.120
_cell.length_b   56.989
_cell.length_c   73.573
_cell.angle_alpha   78.420
_cell.angle_beta   89.210
_cell.angle_gamma   78.920
#
_symmetry.space_group_name_H-M   'P 1'
#
loop_
_entity.id
_entity.type
_entity.pdbx_description
1 polymer LmcA
2 non-polymer XENON
3 non-polymer GLYCEROL
4 water water
#
_entity_poly.entity_id   1
_entity_poly.type   'polypeptide(L)'
_entity_poly.pdbx_seq_one_letter_code
;MPEVVFGSTYTKGKIAKIPLDIDTSLVSDGTATAFDPDSLVAERFKIDRDVPVALQQQMSVEAPSNADVVTFQVGTTLRR
TDRQQDAGLLLALVDTVTMNRNTAEAVSSENNPGGAVQKPRAIEDEKPPTNIALPHEGLTYRFPFDTEKKTYPFFDPIAQ
KAFDANYDGEEDVNGLTTYRFVQNVGYDADGKLADPIKYSSLYEDDADASVTARAEVWGVPGEPDESITMDRFYAASRTF
WVDPVSGTIVKSEEHGYQYYAREALKPEVTYVDFKVTTNEESVESQVAAASDERDRIALWTRSRHHHHHH
;
_entity_poly.pdbx_strand_id   A,B
#
# COMPACT_ATOMS: atom_id res chain seq x y z
N ILE A 15 -14.63 -19.07 -20.35
CA ILE A 15 -13.90 -20.09 -19.61
C ILE A 15 -14.68 -20.64 -18.45
N ALA A 16 -15.59 -19.82 -17.88
CA ALA A 16 -16.33 -20.26 -16.71
C ALA A 16 -17.54 -19.40 -16.47
N LYS A 17 -18.42 -19.87 -15.59
CA LYS A 17 -19.63 -19.15 -15.19
C LYS A 17 -19.65 -19.02 -13.67
N ILE A 18 -20.19 -17.89 -13.17
CA ILE A 18 -20.37 -17.72 -11.72
C ILE A 18 -21.32 -18.85 -11.26
N PRO A 19 -20.94 -19.63 -10.20
CA PRO A 19 -21.83 -20.71 -9.71
C PRO A 19 -23.17 -20.22 -9.16
N LEU A 20 -24.22 -21.06 -9.22
CA LEU A 20 -25.54 -20.67 -8.69
C LEU A 20 -25.73 -21.06 -7.23
N ASP A 21 -24.68 -21.58 -6.60
CA ASP A 21 -24.81 -22.03 -5.21
C ASP A 21 -24.05 -21.15 -4.21
N ILE A 22 -23.89 -19.86 -4.55
CA ILE A 22 -23.25 -18.91 -3.63
C ILE A 22 -24.23 -18.53 -2.51
N ASP A 23 -23.78 -18.67 -1.28
CA ASP A 23 -24.57 -18.37 -0.09
C ASP A 23 -23.51 -18.07 0.94
N THR A 24 -23.14 -16.78 1.06
CA THR A 24 -22.08 -16.38 1.99
C THR A 24 -22.60 -15.39 3.03
N SER A 25 -21.94 -15.36 4.18
CA SER A 25 -22.20 -14.41 5.25
C SER A 25 -20.79 -13.96 5.63
N LEU A 26 -20.47 -12.72 5.35
CA LEU A 26 -19.15 -12.16 5.58
C LEU A 26 -19.22 -11.03 6.57
N VAL A 27 -18.23 -10.92 7.45
CA VAL A 27 -18.22 -9.88 8.49
C VAL A 27 -16.95 -9.07 8.44
N SER A 28 -17.08 -7.74 8.58
CA SER A 28 -15.95 -6.82 8.60
C SER A 28 -16.01 -6.03 9.92
N ASP A 29 -14.91 -6.01 10.68
CA ASP A 29 -14.91 -5.28 11.97
C ASP A 29 -14.18 -3.98 11.84
N GLY A 30 -14.51 -3.04 12.72
CA GLY A 30 -13.83 -1.76 12.72
C GLY A 30 -14.36 -0.81 13.77
N THR A 31 -14.24 0.49 13.49
CA THR A 31 -14.67 1.53 14.43
C THR A 31 -15.49 2.60 13.72
N ALA A 32 -16.31 3.34 14.47
CA ALA A 32 -17.13 4.39 13.87
C ALA A 32 -17.39 5.52 14.86
N THR A 33 -17.74 6.67 14.29
CA THR A 33 -18.34 7.79 15.00
C THR A 33 -19.75 7.67 14.50
N ALA A 34 -20.72 7.58 15.41
CA ALA A 34 -22.08 7.40 14.94
C ALA A 34 -23.13 8.11 15.76
N PHE A 35 -24.17 8.66 15.06
CA PHE A 35 -25.37 9.25 15.66
C PHE A 35 -26.13 8.08 16.31
N ASP A 36 -26.71 8.33 17.50
CA ASP A 36 -27.48 7.32 18.19
C ASP A 36 -28.91 7.47 17.66
N PRO A 37 -29.44 6.50 16.89
CA PRO A 37 -30.80 6.64 16.37
C PRO A 37 -31.88 6.80 17.45
N ASP A 38 -31.61 6.30 18.67
CA ASP A 38 -32.56 6.43 19.77
C ASP A 38 -32.60 7.86 20.36
N SER A 39 -31.85 8.82 19.79
CA SER A 39 -31.86 10.22 20.28
C SER A 39 -32.63 11.14 19.30
N LEU A 40 -33.31 10.55 18.30
CA LEU A 40 -34.08 11.27 17.28
C LEU A 40 -35.06 12.27 17.89
N VAL A 41 -35.68 11.96 19.04
CA VAL A 41 -36.64 12.90 19.62
C VAL A 41 -36.16 13.46 20.98
N ALA A 42 -34.84 13.37 21.23
CA ALA A 42 -34.23 13.90 22.45
C ALA A 42 -33.99 15.44 22.35
N GLU A 43 -33.59 16.07 23.46
CA GLU A 43 -33.31 17.52 23.54
C GLU A 43 -32.04 17.85 22.73
N ARG A 44 -31.16 16.85 22.54
CA ARG A 44 -29.92 16.99 21.78
C ARG A 44 -29.60 15.67 21.05
N PHE A 45 -29.30 15.76 19.74
CA PHE A 45 -28.87 14.61 18.96
C PHE A 45 -27.53 14.13 19.54
N LYS A 46 -27.47 12.85 19.88
CA LYS A 46 -26.30 12.24 20.54
C LYS A 46 -25.41 11.57 19.49
N ILE A 47 -24.13 11.95 19.47
CA ILE A 47 -23.15 11.38 18.55
C ILE A 47 -22.07 10.71 19.37
N ASP A 48 -21.92 9.38 19.22
CA ASP A 48 -20.92 8.63 19.98
C ASP A 48 -19.65 8.42 19.16
N ARG A 49 -18.48 8.67 19.76
CA ARG A 49 -17.17 8.52 19.09
C ARG A 49 -16.46 7.23 19.48
N ASP A 50 -15.60 6.70 18.57
CA ASP A 50 -14.76 5.51 18.73
C ASP A 50 -15.56 4.30 19.18
N VAL A 51 -16.66 4.05 18.50
CA VAL A 51 -17.59 2.95 18.75
C VAL A 51 -17.18 1.71 17.96
N PRO A 52 -17.03 0.51 18.60
CA PRO A 52 -16.70 -0.68 17.82
C PRO A 52 -17.91 -1.09 17.02
N VAL A 53 -17.69 -1.44 15.74
CA VAL A 53 -18.77 -1.84 14.86
C VAL A 53 -18.43 -3.10 14.07
N ALA A 54 -19.46 -3.73 13.53
CA ALA A 54 -19.33 -4.89 12.64
C ALA A 54 -20.27 -4.67 11.47
N LEU A 55 -19.74 -4.84 10.25
CA LEU A 55 -20.54 -4.74 9.02
C LEU A 55 -20.71 -6.18 8.52
N GLN A 56 -21.96 -6.66 8.53
CA GLN A 56 -22.25 -8.03 8.07
C GLN A 56 -22.93 -8.01 6.72
N GLN A 57 -22.44 -8.80 5.77
CA GLN A 57 -23.04 -8.86 4.44
C GLN A 57 -23.47 -10.29 4.18
N GLN A 58 -24.77 -10.50 3.93
CA GLN A 58 -25.32 -11.81 3.63
C GLN A 58 -25.73 -11.80 2.17
N MET A 59 -25.22 -12.75 1.40
CA MET A 59 -25.47 -12.84 -0.03
C MET A 59 -26.09 -14.20 -0.35
N SER A 60 -27.15 -14.21 -1.14
CA SER A 60 -27.77 -15.47 -1.53
C SER A 60 -28.23 -15.36 -2.96
N VAL A 61 -28.32 -16.49 -3.65
CA VAL A 61 -28.77 -16.53 -5.04
C VAL A 61 -30.30 -16.65 -5.03
N GLU A 62 -30.97 -15.87 -5.88
CA GLU A 62 -32.43 -15.82 -6.01
C GLU A 62 -32.78 -15.87 -7.48
N ALA A 63 -34.08 -15.99 -7.79
CA ALA A 63 -34.62 -15.95 -9.13
C ALA A 63 -34.63 -14.47 -9.57
N PRO A 64 -34.38 -14.13 -10.86
CA PRO A 64 -34.05 -15.03 -11.97
C PRO A 64 -32.56 -15.42 -12.04
N SER A 65 -32.29 -16.73 -12.09
CA SER A 65 -30.95 -17.26 -12.31
C SER A 65 -31.13 -18.42 -13.27
N ASN A 66 -30.27 -18.50 -14.28
CA ASN A 66 -30.37 -19.53 -15.31
C ASN A 66 -29.02 -19.72 -15.97
N ALA A 67 -28.98 -20.21 -17.22
CA ALA A 67 -27.70 -20.44 -17.91
C ALA A 67 -26.91 -19.14 -18.16
N ASP A 68 -27.61 -18.01 -18.30
CA ASP A 68 -27.00 -16.74 -18.68
C ASP A 68 -26.77 -15.78 -17.53
N VAL A 69 -27.74 -15.70 -16.60
CA VAL A 69 -27.71 -14.71 -15.53
C VAL A 69 -27.78 -15.31 -14.12
N VAL A 70 -27.35 -14.52 -13.14
CA VAL A 70 -27.44 -14.92 -11.74
C VAL A 70 -27.88 -13.70 -10.93
N THR A 71 -28.86 -13.89 -10.03
CA THR A 71 -29.37 -12.78 -9.21
C THR A 71 -28.90 -12.98 -7.79
N PHE A 72 -28.33 -11.93 -7.20
CA PHE A 72 -27.93 -11.97 -5.80
C PHE A 72 -28.80 -11.02 -5.02
N GLN A 73 -29.24 -11.45 -3.85
CA GLN A 73 -29.94 -10.59 -2.91
C GLN A 73 -28.90 -10.42 -1.81
N VAL A 74 -28.56 -9.16 -1.49
CA VAL A 74 -27.51 -8.86 -0.53
C VAL A 74 -28.10 -8.00 0.59
N GLY A 75 -28.00 -8.50 1.80
CA GLY A 75 -28.48 -7.78 2.98
C GLY A 75 -27.27 -7.37 3.77
N THR A 76 -27.15 -6.07 4.06
CA THR A 76 -25.98 -5.53 4.75
C THR A 76 -26.44 -4.76 5.98
N THR A 77 -25.78 -4.97 7.12
CA THR A 77 -26.09 -4.26 8.36
C THR A 77 -24.80 -3.79 9.02
N LEU A 78 -24.84 -2.61 9.66
CA LEU A 78 -23.74 -2.10 10.45
C LEU A 78 -24.29 -1.99 11.86
N ARG A 79 -23.63 -2.64 12.81
CA ARG A 79 -24.09 -2.57 14.20
C ARG A 79 -22.97 -2.32 15.16
N ARG A 80 -23.29 -1.71 16.31
CA ARG A 80 -22.33 -1.48 17.40
C ARG A 80 -22.12 -2.82 18.08
N THR A 81 -20.88 -3.16 18.39
CA THR A 81 -20.59 -4.42 19.07
C THR A 81 -20.39 -4.22 20.60
N ASP A 82 -20.74 -3.04 21.13
CA ASP A 82 -20.72 -2.77 22.58
C ASP A 82 -22.19 -2.73 23.05
N ARG A 83 -23.07 -3.41 22.29
CA ARG A 83 -24.49 -3.50 22.60
C ARG A 83 -24.89 -4.94 22.35
N GLN A 84 -26.00 -5.37 22.99
CA GLN A 84 -26.55 -6.69 22.76
C GLN A 84 -27.31 -6.65 21.42
N GLN A 85 -27.80 -7.82 20.93
CA GLN A 85 -28.44 -7.99 19.60
C GLN A 85 -29.68 -7.11 19.31
N ASP A 86 -30.44 -6.69 20.34
CA ASP A 86 -31.65 -5.86 20.14
C ASP A 86 -31.34 -4.35 20.08
N ALA A 87 -30.07 -3.98 20.31
CA ALA A 87 -29.66 -2.59 20.31
C ALA A 87 -28.44 -2.38 19.40
N GLY A 88 -28.14 -1.11 19.15
CA GLY A 88 -26.97 -0.74 18.36
C GLY A 88 -27.03 -0.92 16.86
N LEU A 89 -28.22 -1.07 16.22
CA LEU A 89 -28.26 -1.14 14.74
C LEU A 89 -28.08 0.26 14.19
N LEU A 90 -27.08 0.46 13.32
CA LEU A 90 -26.80 1.79 12.80
C LEU A 90 -27.26 1.99 11.38
N LEU A 91 -27.05 0.99 10.53
CA LEU A 91 -27.40 1.07 9.09
C LEU A 91 -27.85 -0.29 8.63
N ALA A 92 -28.77 -0.31 7.67
CA ALA A 92 -29.26 -1.53 7.07
C ALA A 92 -29.61 -1.26 5.62
N LEU A 93 -29.16 -2.13 4.71
CA LEU A 93 -29.39 -1.96 3.29
C LEU A 93 -29.72 -3.32 2.68
N VAL A 94 -30.66 -3.37 1.73
CA VAL A 94 -30.96 -4.59 1.00
C VAL A 94 -30.73 -4.18 -0.46
N ASP A 95 -30.01 -5.01 -1.20
CA ASP A 95 -29.73 -4.73 -2.61
C ASP A 95 -30.01 -6.02 -3.42
N THR A 96 -30.52 -5.90 -4.64
CA THR A 96 -30.77 -7.06 -5.49
C THR A 96 -30.21 -6.73 -6.83
N VAL A 97 -29.36 -7.62 -7.40
CA VAL A 97 -28.78 -7.36 -8.71
C VAL A 97 -28.75 -8.63 -9.54
N THR A 98 -29.04 -8.51 -10.84
CA THR A 98 -28.91 -9.63 -11.77
C THR A 98 -27.64 -9.32 -12.59
N MET A 99 -26.74 -10.29 -12.70
CA MET A 99 -25.51 -10.10 -13.46
C MET A 99 -25.29 -11.22 -14.46
N ASN A 100 -24.52 -10.92 -15.49
CA ASN A 100 -24.14 -11.89 -16.52
C ASN A 100 -23.18 -12.88 -15.85
N ARG A 101 -23.47 -14.19 -15.99
CA ARG A 101 -22.66 -15.22 -15.32
C ARG A 101 -21.23 -15.35 -15.84
N ASN A 102 -21.00 -14.93 -17.10
CA ASN A 102 -19.68 -15.00 -17.72
C ASN A 102 -18.80 -13.77 -17.41
N THR A 103 -19.38 -12.54 -17.37
CA THR A 103 -18.62 -11.27 -17.23
C THR A 103 -18.68 -10.61 -15.85
N ALA A 104 -19.67 -11.01 -15.02
CA ALA A 104 -20.01 -10.43 -13.69
C ALA A 104 -20.62 -9.03 -13.79
N GLU A 105 -20.90 -8.56 -15.03
CA GLU A 105 -21.46 -7.20 -15.22
C GLU A 105 -22.96 -7.21 -15.01
N ALA A 106 -23.52 -6.15 -14.39
CA ALA A 106 -24.94 -6.06 -14.14
C ALA A 106 -25.71 -6.03 -15.45
N VAL A 107 -26.89 -6.68 -15.47
CA VAL A 107 -27.71 -6.69 -16.69
C VAL A 107 -29.14 -6.21 -16.42
N LEU A 134 -32.74 1.14 -8.65
CA LEU A 134 -32.82 -0.28 -9.01
C LEU A 134 -31.92 -0.65 -10.21
N PRO A 135 -31.80 0.09 -11.35
CA PRO A 135 -30.88 -0.38 -12.39
C PRO A 135 -29.41 -0.22 -11.97
N HIS A 136 -28.68 -1.34 -12.02
CA HIS A 136 -27.27 -1.40 -11.63
C HIS A 136 -26.43 -1.33 -12.87
N GLU A 137 -25.15 -1.01 -12.74
CA GLU A 137 -24.22 -0.98 -13.85
C GLU A 137 -22.84 -1.38 -13.39
N GLY A 138 -22.14 -2.10 -14.26
CA GLY A 138 -20.78 -2.55 -13.98
C GLY A 138 -20.72 -3.68 -12.97
N LEU A 139 -19.57 -3.81 -12.32
CA LEU A 139 -19.37 -4.82 -11.27
C LEU A 139 -20.09 -4.41 -10.00
N THR A 140 -20.53 -5.39 -9.20
CA THR A 140 -21.25 -5.13 -7.96
C THR A 140 -20.69 -5.91 -6.77
N TYR A 141 -20.50 -7.24 -6.93
CA TYR A 141 -20.05 -8.09 -5.81
C TYR A 141 -18.96 -9.07 -6.17
N ARG A 142 -18.50 -9.02 -7.44
CA ARG A 142 -17.48 -9.94 -7.93
C ARG A 142 -16.78 -9.32 -9.13
N PHE A 143 -15.53 -9.70 -9.37
CA PHE A 143 -14.82 -9.21 -10.55
C PHE A 143 -14.94 -10.31 -11.63
N PRO A 144 -14.64 -10.04 -12.92
CA PRO A 144 -14.77 -11.09 -13.94
C PRO A 144 -13.71 -12.19 -13.79
N PHE A 145 -13.92 -13.33 -14.46
CA PHE A 145 -12.89 -14.37 -14.48
C PHE A 145 -11.70 -13.78 -15.24
N ASP A 146 -10.47 -14.17 -14.85
CA ASP A 146 -9.25 -13.67 -15.51
C ASP A 146 -9.19 -12.12 -15.45
N THR A 147 -9.36 -11.57 -14.24
CA THR A 147 -9.32 -10.14 -13.98
C THR A 147 -7.97 -9.61 -14.45
N GLU A 148 -7.98 -8.43 -15.07
CA GLU A 148 -6.77 -7.77 -15.59
C GLU A 148 -6.33 -6.62 -14.71
N LYS A 149 -5.08 -6.17 -14.89
CA LYS A 149 -4.54 -5.03 -14.17
C LYS A 149 -5.00 -3.73 -14.86
N LYS A 150 -6.29 -3.41 -14.71
CA LYS A 150 -6.88 -2.24 -15.34
C LYS A 150 -8.03 -1.70 -14.49
N THR A 151 -8.59 -0.56 -14.89
CA THR A 151 -9.74 0.05 -14.21
C THR A 151 -11.00 -0.68 -14.57
N TYR A 152 -11.88 -0.92 -13.58
CA TYR A 152 -13.20 -1.52 -13.80
C TYR A 152 -14.28 -0.60 -13.25
N PRO A 153 -15.46 -0.51 -13.89
CA PRO A 153 -16.57 0.27 -13.30
C PRO A 153 -17.15 -0.55 -12.15
N PHE A 154 -17.25 0.05 -10.97
CA PHE A 154 -17.76 -0.69 -9.81
C PHE A 154 -18.90 0.09 -9.17
N PHE A 155 -20.08 -0.51 -9.13
CA PHE A 155 -21.30 0.11 -8.66
C PHE A 155 -21.29 0.45 -7.20
N ASP A 156 -21.78 1.64 -6.86
CA ASP A 156 -21.97 2.06 -5.46
C ASP A 156 -23.49 2.16 -5.29
N PRO A 157 -24.10 1.30 -4.44
CA PRO A 157 -25.57 1.29 -4.34
C PRO A 157 -26.19 2.54 -3.71
N ILE A 158 -25.43 3.33 -2.92
CA ILE A 158 -25.99 4.57 -2.37
C ILE A 158 -25.97 5.63 -3.44
N ALA A 159 -24.81 5.81 -4.15
CA ALA A 159 -24.68 6.77 -5.23
C ALA A 159 -25.57 6.38 -6.41
N GLN A 160 -25.89 5.07 -6.54
CA GLN A 160 -26.70 4.52 -7.63
C GLN A 160 -26.00 4.73 -9.00
N LYS A 161 -24.66 4.67 -8.98
CA LYS A 161 -23.80 4.88 -10.14
C LYS A 161 -22.49 4.07 -9.97
N ALA A 162 -21.85 3.68 -11.12
CA ALA A 162 -20.53 3.03 -11.05
C ALA A 162 -19.46 4.08 -10.97
N PHE A 163 -18.44 3.82 -10.15
CA PHE A 163 -17.26 4.65 -9.99
C PHE A 163 -16.05 3.79 -10.29
N ASP A 164 -14.96 4.39 -10.73
CA ASP A 164 -13.77 3.64 -11.09
C ASP A 164 -13.16 2.86 -9.93
N ALA A 165 -12.85 1.57 -10.15
CA ALA A 165 -12.10 0.78 -9.19
C ALA A 165 -10.74 0.61 -9.90
N ASN A 166 -9.73 1.39 -9.48
CA ASN A 166 -8.43 1.41 -10.14
C ASN A 166 -7.49 0.37 -9.60
N TYR A 167 -6.73 -0.26 -10.51
CA TYR A 167 -5.73 -1.23 -10.13
C TYR A 167 -4.63 -0.57 -9.28
N ASP A 168 -4.32 -1.18 -8.14
CA ASP A 168 -3.39 -0.59 -7.18
C ASP A 168 -2.14 -1.44 -6.84
N GLY A 169 -2.02 -2.63 -7.41
CA GLY A 169 -0.88 -3.50 -7.15
C GLY A 169 -1.26 -4.91 -6.76
N GLU A 170 -0.25 -5.80 -6.61
CA GLU A 170 -0.43 -7.19 -6.22
C GLU A 170 -0.16 -7.32 -4.73
N GLU A 171 -0.88 -8.23 -4.05
CA GLU A 171 -0.66 -8.47 -2.64
C GLU A 171 -1.05 -9.89 -2.29
N ASP A 172 -0.24 -10.55 -1.43
CA ASP A 172 -0.56 -11.90 -0.98
C ASP A 172 -1.63 -11.82 0.11
N VAL A 173 -2.66 -12.63 -0.02
CA VAL A 173 -3.73 -12.70 0.99
C VAL A 173 -3.83 -14.18 1.33
N ASN A 174 -3.39 -14.57 2.53
CA ASN A 174 -3.43 -15.97 2.99
C ASN A 174 -2.81 -16.98 1.99
N GLY A 175 -1.68 -16.60 1.39
CA GLY A 175 -0.98 -17.43 0.42
C GLY A 175 -1.45 -17.34 -1.01
N LEU A 176 -2.51 -16.55 -1.27
CA LEU A 176 -3.07 -16.35 -2.61
C LEU A 176 -2.61 -14.98 -3.14
N THR A 177 -2.02 -14.91 -4.35
CA THR A 177 -1.62 -13.61 -4.90
C THR A 177 -2.89 -12.94 -5.43
N THR A 178 -3.19 -11.76 -4.90
CA THR A 178 -4.41 -11.04 -5.31
C THR A 178 -4.07 -9.74 -6.00
N TYR A 179 -5.05 -9.17 -6.73
CA TYR A 179 -4.91 -7.84 -7.33
C TYR A 179 -5.70 -6.89 -6.43
N ARG A 180 -5.08 -5.80 -6.04
CA ARG A 180 -5.71 -4.79 -5.17
C ARG A 180 -6.33 -3.71 -6.07
N PHE A 181 -7.60 -3.31 -5.79
CA PHE A 181 -8.29 -2.23 -6.51
C PHE A 181 -8.81 -1.20 -5.52
N VAL A 182 -8.77 0.08 -5.88
CA VAL A 182 -9.21 1.18 -5.02
C VAL A 182 -10.31 1.98 -5.70
N GLN A 183 -11.42 2.21 -4.98
CA GLN A 183 -12.57 2.94 -5.48
C GLN A 183 -12.84 4.13 -4.54
N ASN A 184 -12.92 5.35 -5.08
CA ASN A 184 -13.29 6.56 -4.32
C ASN A 184 -14.63 7.07 -4.80
N VAL A 185 -15.56 7.32 -3.87
CA VAL A 185 -16.90 7.81 -4.19
C VAL A 185 -17.10 9.14 -3.44
N GLY A 186 -16.94 10.26 -4.15
CA GLY A 186 -17.11 11.56 -3.53
C GLY A 186 -15.81 12.17 -3.05
N TYR A 187 -14.71 11.38 -3.05
CA TYR A 187 -13.36 11.85 -2.68
C TYR A 187 -12.56 11.94 -3.94
N ASP A 188 -11.66 12.92 -4.03
CA ASP A 188 -10.77 13.00 -5.20
C ASP A 188 -9.54 12.08 -5.04
N ALA A 189 -8.62 12.11 -6.05
CA ALA A 189 -7.39 11.29 -6.05
C ALA A 189 -6.51 11.52 -4.82
N ASP A 190 -6.55 12.73 -4.22
CA ASP A 190 -5.78 13.08 -3.01
C ASP A 190 -6.53 12.78 -1.69
N GLY A 191 -7.74 12.23 -1.79
CA GLY A 191 -8.54 11.87 -0.64
C GLY A 191 -9.31 13.03 -0.03
N LYS A 192 -9.44 14.15 -0.76
CA LYS A 192 -10.18 15.30 -0.25
C LYS A 192 -11.66 15.17 -0.63
N LEU A 193 -12.55 15.56 0.28
CA LEU A 193 -14.00 15.53 0.04
C LEU A 193 -14.24 16.48 -1.13
N ALA A 194 -14.86 15.99 -2.23
CA ALA A 194 -14.99 16.82 -3.43
C ALA A 194 -16.37 16.80 -4.05
N ASP A 195 -16.92 15.62 -4.23
CA ASP A 195 -18.26 15.56 -4.85
C ASP A 195 -19.13 14.53 -4.12
N PRO A 196 -19.42 14.78 -2.81
CA PRO A 196 -20.27 13.82 -2.08
C PRO A 196 -21.64 13.72 -2.69
N ILE A 197 -22.25 12.56 -2.54
CA ILE A 197 -23.56 12.32 -3.10
C ILE A 197 -24.60 12.93 -2.17
N LYS A 198 -25.53 13.70 -2.70
CA LYS A 198 -26.62 14.24 -1.91
C LYS A 198 -27.76 13.24 -1.95
N TYR A 199 -28.29 12.83 -0.79
CA TYR A 199 -29.41 11.87 -0.81
C TYR A 199 -30.70 12.50 -1.34
N SER A 200 -31.49 11.75 -2.12
CA SER A 200 -32.81 12.23 -2.57
C SER A 200 -33.86 11.92 -1.53
N ALA A 209 -35.19 12.42 2.99
CA ALA A 209 -33.76 12.44 3.28
C ALA A 209 -33.44 13.56 4.27
N SER A 210 -33.79 14.85 3.89
CA SER A 210 -33.66 16.11 4.64
C SER A 210 -34.23 15.96 6.04
N VAL A 211 -33.60 16.62 7.03
CA VAL A 211 -34.02 16.58 8.43
C VAL A 211 -34.13 18.03 8.91
N THR A 212 -35.22 18.35 9.63
CA THR A 212 -35.43 19.69 10.20
C THR A 212 -35.44 19.55 11.72
N ALA A 213 -34.63 20.38 12.40
CA ALA A 213 -34.57 20.37 13.86
C ALA A 213 -34.07 21.72 14.34
N ARG A 214 -34.36 22.08 15.59
CA ARG A 214 -33.89 23.34 16.16
C ARG A 214 -32.34 23.30 16.23
N ALA A 215 -31.70 24.44 16.14
CA ALA A 215 -30.23 24.51 16.24
C ALA A 215 -29.73 23.86 17.54
N GLU A 216 -30.47 24.02 18.66
CA GLU A 216 -30.13 23.46 19.98
C GLU A 216 -30.12 21.91 19.95
N VAL A 217 -31.01 21.32 19.13
CA VAL A 217 -31.12 19.86 18.98
C VAL A 217 -29.96 19.34 18.11
N TRP A 218 -29.66 20.01 16.97
CA TRP A 218 -28.53 19.61 16.12
C TRP A 218 -27.20 19.77 16.87
N GLY A 219 -27.13 20.76 17.77
CA GLY A 219 -25.92 21.11 18.52
C GLY A 219 -25.02 22.00 17.68
N VAL A 220 -25.63 22.87 16.87
CA VAL A 220 -24.86 23.81 16.02
C VAL A 220 -25.24 25.26 16.38
N PRO A 221 -24.41 26.28 16.03
CA PRO A 221 -24.81 27.66 16.34
C PRO A 221 -26.09 28.09 15.62
N GLY A 222 -26.83 28.96 16.28
CA GLY A 222 -28.03 29.50 15.66
C GLY A 222 -28.77 30.46 16.55
N GLU A 223 -29.74 31.18 15.98
CA GLU A 223 -30.63 32.11 16.70
C GLU A 223 -31.45 31.30 17.69
N PRO A 224 -32.01 31.89 18.78
CA PRO A 224 -32.78 31.04 19.72
C PRO A 224 -33.95 30.34 19.05
N ASP A 225 -34.07 29.03 19.27
CA ASP A 225 -35.07 28.13 18.66
C ASP A 225 -35.07 28.21 17.11
N GLU A 226 -33.91 28.56 16.49
CA GLU A 226 -33.81 28.64 15.02
C GLU A 226 -34.03 27.24 14.47
N SER A 227 -34.85 27.14 13.42
CA SER A 227 -35.15 25.87 12.78
C SER A 227 -34.16 25.73 11.63
N ILE A 228 -33.45 24.57 11.57
CA ILE A 228 -32.47 24.34 10.52
C ILE A 228 -32.79 23.06 9.79
N THR A 229 -32.89 23.14 8.45
CA THR A 229 -33.08 21.97 7.59
C THR A 229 -31.71 21.62 6.97
N MET A 230 -31.28 20.39 7.18
CA MET A 230 -30.01 19.90 6.62
C MET A 230 -30.27 18.72 5.71
N ASP A 231 -29.50 18.63 4.62
CA ASP A 231 -29.59 17.50 3.67
C ASP A 231 -28.59 16.42 4.08
N ARG A 232 -28.82 15.15 3.73
CA ARG A 232 -27.90 14.07 4.05
C ARG A 232 -27.01 13.86 2.84
N PHE A 233 -25.70 13.67 3.11
CA PHE A 233 -24.69 13.44 2.06
C PHE A 233 -23.94 12.17 2.33
N TYR A 234 -23.30 11.62 1.30
CA TYR A 234 -22.56 10.38 1.42
C TYR A 234 -21.25 10.42 0.63
N ALA A 235 -20.23 9.87 1.22
CA ALA A 235 -18.94 9.69 0.53
C ALA A 235 -18.28 8.42 1.07
N ALA A 236 -17.53 7.72 0.23
CA ALA A 236 -16.91 6.45 0.64
C ALA A 236 -15.62 6.19 -0.10
N SER A 237 -14.81 5.30 0.45
CA SER A 237 -13.58 4.84 -0.18
C SER A 237 -13.47 3.35 0.15
N ARG A 238 -13.20 2.51 -0.86
CA ARG A 238 -13.14 1.05 -0.66
C ARG A 238 -11.88 0.51 -1.31
N THR A 239 -11.32 -0.57 -0.72
CA THR A 239 -10.20 -1.31 -1.31
C THR A 239 -10.68 -2.75 -1.41
N PHE A 240 -10.47 -3.39 -2.58
CA PHE A 240 -10.84 -4.78 -2.79
C PHE A 240 -9.59 -5.58 -3.09
N TRP A 241 -9.48 -6.79 -2.54
CA TRP A 241 -8.38 -7.72 -2.86
C TRP A 241 -9.07 -8.83 -3.64
N VAL A 242 -8.66 -9.02 -4.90
CA VAL A 242 -9.34 -9.90 -5.85
C VAL A 242 -8.50 -11.10 -6.28
N ASP A 243 -9.11 -12.31 -6.28
CA ASP A 243 -8.42 -13.48 -6.86
C ASP A 243 -8.50 -13.25 -8.39
N PRO A 244 -7.36 -13.05 -9.12
CA PRO A 244 -7.48 -12.76 -10.56
C PRO A 244 -8.10 -13.86 -11.41
N VAL A 245 -7.98 -15.12 -10.98
CA VAL A 245 -8.54 -16.23 -11.76
C VAL A 245 -10.08 -16.29 -11.66
N SER A 246 -10.61 -16.45 -10.45
CA SER A 246 -12.06 -16.59 -10.30
C SER A 246 -12.80 -15.24 -10.23
N GLY A 247 -12.08 -14.16 -9.93
CA GLY A 247 -12.69 -12.86 -9.75
C GLY A 247 -13.30 -12.67 -8.36
N THR A 248 -13.16 -13.68 -7.46
CA THR A 248 -13.71 -13.55 -6.09
C THR A 248 -13.05 -12.37 -5.33
N ILE A 249 -13.84 -11.52 -4.66
CA ILE A 249 -13.29 -10.47 -3.76
C ILE A 249 -13.05 -11.18 -2.42
N VAL A 250 -11.81 -11.45 -2.10
CA VAL A 250 -11.46 -12.22 -0.91
C VAL A 250 -11.38 -11.37 0.36
N LYS A 251 -11.17 -10.07 0.21
CA LYS A 251 -11.03 -9.15 1.35
C LYS A 251 -11.42 -7.78 0.86
N SER A 252 -11.96 -6.96 1.76
CA SER A 252 -12.29 -5.59 1.41
C SER A 252 -12.13 -4.68 2.65
N GLU A 253 -11.82 -3.43 2.39
CA GLU A 253 -11.69 -2.41 3.42
C GLU A 253 -12.65 -1.31 2.98
N GLU A 254 -13.49 -0.81 3.88
CA GLU A 254 -14.46 0.20 3.48
C GLU A 254 -14.48 1.34 4.50
N HIS A 255 -14.44 2.59 4.02
CA HIS A 255 -14.51 3.79 4.88
C HIS A 255 -15.71 4.59 4.38
N GLY A 256 -16.86 4.48 5.09
CA GLY A 256 -18.11 5.12 4.72
C GLY A 256 -18.38 6.34 5.58
N TYR A 257 -18.90 7.41 4.96
CA TYR A 257 -19.18 8.64 5.70
C TYR A 257 -20.50 9.21 5.25
N GLN A 258 -21.43 9.37 6.21
CA GLN A 258 -22.74 9.96 5.97
C GLN A 258 -22.92 11.05 6.99
N TYR A 259 -23.35 12.23 6.54
CA TYR A 259 -23.49 13.39 7.40
C TYR A 259 -24.60 14.33 6.91
N TYR A 260 -25.02 15.23 7.80
CA TYR A 260 -25.98 16.28 7.52
C TYR A 260 -25.26 17.61 7.39
N ALA A 261 -25.67 18.38 6.39
CA ALA A 261 -25.09 19.68 6.14
C ALA A 261 -26.06 20.56 5.35
N ARG A 262 -25.91 21.87 5.50
CA ARG A 262 -26.65 22.81 4.64
C ARG A 262 -25.85 22.93 3.31
N GLU A 263 -24.50 22.76 3.38
CA GLU A 263 -23.61 22.80 2.21
C GLU A 263 -22.77 21.54 2.16
N ALA A 264 -22.73 20.88 0.99
CA ALA A 264 -22.00 19.62 0.77
C ALA A 264 -20.60 19.59 1.30
N LEU A 265 -19.78 20.65 1.04
CA LEU A 265 -18.38 20.64 1.46
C LEU A 265 -18.14 21.23 2.82
N LYS A 266 -19.21 21.47 3.60
CA LYS A 266 -19.08 21.95 4.97
C LYS A 266 -19.88 21.01 5.87
N PRO A 267 -19.44 19.75 6.10
CA PRO A 267 -20.21 18.83 6.95
C PRO A 267 -20.51 19.44 8.30
N GLU A 268 -21.72 19.25 8.81
CA GLU A 268 -22.08 19.84 10.11
C GLU A 268 -22.28 18.82 11.19
N VAL A 269 -23.03 17.74 10.90
CA VAL A 269 -23.32 16.74 11.94
C VAL A 269 -23.12 15.35 11.35
N THR A 270 -22.32 14.53 11.97
CA THR A 270 -22.12 13.18 11.49
C THR A 270 -23.30 12.24 11.74
N TYR A 271 -23.68 11.43 10.74
CA TYR A 271 -24.64 10.38 10.93
C TYR A 271 -23.80 9.11 11.25
N VAL A 272 -22.87 8.75 10.36
CA VAL A 272 -21.94 7.67 10.53
C VAL A 272 -20.59 7.95 9.82
N ASP A 273 -19.50 7.66 10.45
CA ASP A 273 -18.15 7.77 9.89
C ASP A 273 -17.47 6.45 10.32
N PHE A 274 -17.49 5.43 9.46
CA PHE A 274 -16.96 4.11 9.86
C PHE A 274 -15.84 3.62 8.97
N LYS A 275 -14.95 2.77 9.52
CA LYS A 275 -13.90 2.16 8.72
C LYS A 275 -13.86 0.71 9.20
N VAL A 276 -14.09 -0.23 8.27
CA VAL A 276 -14.13 -1.67 8.61
C VAL A 276 -13.23 -2.46 7.62
N THR A 277 -12.76 -3.65 8.03
CA THR A 277 -12.00 -4.55 7.14
C THR A 277 -12.53 -5.95 7.37
N THR A 278 -12.66 -6.79 6.29
CA THR A 278 -13.12 -8.18 6.41
C THR A 278 -12.33 -8.88 7.50
N ASN A 279 -13.03 -9.61 8.39
CA ASN A 279 -12.31 -10.29 9.47
C ASN A 279 -11.59 -11.54 8.94
N GLU A 280 -10.61 -12.03 9.71
CA GLU A 280 -9.79 -13.19 9.34
C GLU A 280 -10.58 -14.40 8.91
N GLU A 281 -11.64 -14.75 9.65
CA GLU A 281 -12.49 -15.90 9.35
C GLU A 281 -13.17 -15.76 7.98
N SER A 282 -13.67 -14.55 7.69
CA SER A 282 -14.36 -14.28 6.41
C SER A 282 -13.37 -14.30 5.24
N VAL A 283 -12.15 -13.76 5.46
CA VAL A 283 -11.09 -13.80 4.44
C VAL A 283 -10.76 -15.28 4.16
N GLU A 284 -10.58 -16.09 5.23
CA GLU A 284 -10.24 -17.53 5.08
C GLU A 284 -11.32 -18.26 4.28
N SER A 285 -12.59 -17.96 4.57
CA SER A 285 -13.73 -18.56 3.87
C SER A 285 -13.69 -18.20 2.36
N GLN A 286 -13.44 -16.92 2.04
CA GLN A 286 -13.38 -16.47 0.62
C GLN A 286 -12.17 -17.03 -0.14
N VAL A 287 -11.01 -17.10 0.52
CA VAL A 287 -9.78 -17.65 -0.09
C VAL A 287 -10.02 -19.13 -0.41
N ALA A 288 -10.69 -19.87 0.50
CA ALA A 288 -11.03 -21.29 0.29
C ALA A 288 -11.96 -21.45 -0.91
N ALA A 289 -13.01 -20.59 -1.00
CA ALA A 289 -13.96 -20.63 -2.11
C ALA A 289 -13.25 -20.33 -3.44
N ALA A 290 -12.41 -19.29 -3.44
CA ALA A 290 -11.66 -18.92 -4.64
C ALA A 290 -10.71 -20.07 -5.08
N SER A 291 -10.00 -20.69 -4.10
CA SER A 291 -9.07 -21.78 -4.35
CA SER A 291 -9.07 -21.79 -4.33
C SER A 291 -9.77 -22.99 -4.97
N ASP A 292 -10.97 -23.32 -4.48
CA ASP A 292 -11.77 -24.43 -5.02
C ASP A 292 -12.14 -24.15 -6.47
N GLU A 293 -12.60 -22.90 -6.75
CA GLU A 293 -12.97 -22.48 -8.09
C GLU A 293 -11.76 -22.56 -9.04
N ARG A 294 -10.59 -22.08 -8.60
CA ARG A 294 -9.34 -22.11 -9.38
C ARG A 294 -8.93 -23.54 -9.73
N ASP A 295 -9.00 -24.47 -8.75
CA ASP A 295 -8.67 -25.88 -8.96
C ASP A 295 -9.57 -26.50 -10.03
N ARG A 296 -10.87 -26.12 -10.03
CA ARG A 296 -11.83 -26.64 -11.01
C ARG A 296 -11.52 -26.07 -12.41
N ILE A 297 -11.28 -24.74 -12.48
CA ILE A 297 -11.00 -24.08 -13.76
C ILE A 297 -9.72 -24.62 -14.41
N ALA A 298 -8.68 -24.87 -13.59
CA ALA A 298 -7.40 -25.40 -14.07
C ALA A 298 -7.57 -26.69 -14.90
N LEU A 299 -8.63 -27.45 -14.66
CA LEU A 299 -8.86 -28.74 -15.34
C LEU A 299 -9.27 -28.66 -16.80
N TRP A 300 -9.84 -27.52 -17.24
CA TRP A 300 -10.28 -27.42 -18.65
C TRP A 300 -9.74 -26.18 -19.36
N THR A 301 -8.75 -25.52 -18.75
CA THR A 301 -8.18 -24.32 -19.35
C THR A 301 -6.68 -24.43 -19.46
N ARG A 302 -6.09 -23.52 -20.22
CA ARG A 302 -4.63 -23.39 -20.39
C ARG A 302 -4.25 -21.92 -20.15
N ILE B 15 44.50 -11.73 0.39
CA ILE B 15 45.57 -11.10 -0.38
C ILE B 15 45.04 -9.87 -1.14
N ALA B 16 43.92 -10.00 -1.88
CA ALA B 16 43.33 -8.90 -2.65
C ALA B 16 42.83 -7.77 -1.75
N LYS B 17 42.84 -6.53 -2.25
CA LYS B 17 42.37 -5.37 -1.48
C LYS B 17 41.47 -4.49 -2.34
N ILE B 18 40.46 -3.86 -1.71
CA ILE B 18 39.59 -2.91 -2.43
C ILE B 18 40.53 -1.78 -2.91
N PRO B 19 40.49 -1.41 -4.21
CA PRO B 19 41.38 -0.34 -4.73
C PRO B 19 41.07 1.03 -4.11
N LEU B 20 42.07 1.93 -4.04
CA LEU B 20 41.83 3.26 -3.48
C LEU B 20 41.40 4.27 -4.55
N ASP B 21 41.21 3.84 -5.78
CA ASP B 21 40.84 4.77 -6.85
C ASP B 21 39.41 4.60 -7.37
N ILE B 22 38.50 4.07 -6.53
CA ILE B 22 37.09 3.90 -6.92
C ILE B 22 36.42 5.27 -7.00
N ASP B 23 35.73 5.51 -8.10
CA ASP B 23 34.98 6.74 -8.35
C ASP B 23 33.92 6.34 -9.34
N THR B 24 32.75 5.98 -8.83
CA THR B 24 31.67 5.47 -9.69
C THR B 24 30.39 6.29 -9.53
N SER B 25 29.56 6.33 -10.58
CA SER B 25 28.25 6.96 -10.58
C SER B 25 27.35 5.90 -11.21
N LEU B 26 26.44 5.35 -10.40
CA LEU B 26 25.56 4.25 -10.84
C LEU B 26 24.13 4.68 -10.76
N VAL B 27 23.32 4.31 -11.76
CA VAL B 27 21.92 4.73 -11.82
C VAL B 27 21.00 3.53 -11.92
N SER B 28 19.90 3.55 -11.15
CA SER B 28 18.88 2.52 -11.16
C SER B 28 17.56 3.18 -11.51
N ASP B 29 16.85 2.67 -12.52
CA ASP B 29 15.58 3.26 -12.94
C ASP B 29 14.44 2.42 -12.46
N GLY B 30 13.28 3.05 -12.32
CA GLY B 30 12.09 2.32 -11.94
C GLY B 30 10.89 3.23 -11.81
N THR B 31 9.98 2.82 -10.93
CA THR B 31 8.75 3.56 -10.69
CA THR B 31 8.71 3.49 -10.70
C THR B 31 8.49 3.72 -9.21
N ALA B 32 7.70 4.71 -8.87
CA ALA B 32 7.36 4.98 -7.48
C ALA B 32 5.95 5.52 -7.36
N THR B 33 5.39 5.35 -6.16
CA THR B 33 4.22 6.06 -5.72
C THR B 33 4.87 7.03 -4.75
N ALA B 34 4.67 8.33 -4.91
CA ALA B 34 5.38 9.22 -3.98
C ALA B 34 4.76 10.57 -3.81
N PHE B 35 5.02 11.21 -2.64
CA PHE B 35 4.60 12.59 -2.37
C PHE B 35 5.14 13.51 -3.46
N ASP B 36 4.41 14.58 -3.82
CA ASP B 36 4.89 15.54 -4.80
C ASP B 36 5.57 16.65 -4.00
N PRO B 37 6.91 16.81 -4.14
CA PRO B 37 7.62 17.85 -3.37
C PRO B 37 7.24 19.29 -3.71
N ASP B 38 6.52 19.49 -4.82
CA ASP B 38 6.05 20.81 -5.25
C ASP B 38 4.63 21.13 -4.76
N SER B 39 4.04 20.24 -3.97
CA SER B 39 2.70 20.48 -3.45
C SER B 39 2.83 20.74 -1.95
N LEU B 40 2.19 21.83 -1.45
CA LEU B 40 2.25 22.18 -0.03
C LEU B 40 1.38 21.20 0.75
N VAL B 41 1.97 20.50 1.74
CA VAL B 41 1.28 19.49 2.58
C VAL B 41 -0.03 20.06 3.19
N ALA B 42 0.03 21.28 3.78
CA ALA B 42 -1.13 21.96 4.39
C ALA B 42 -2.31 22.16 3.44
N GLU B 43 -2.04 22.39 2.14
CA GLU B 43 -3.05 22.61 1.12
C GLU B 43 -3.50 21.30 0.49
N ARG B 44 -2.54 20.47 0.03
CA ARG B 44 -2.80 19.19 -0.61
C ARG B 44 -1.63 18.22 -0.43
N PHE B 45 -1.83 17.12 0.34
CA PHE B 45 -0.78 16.13 0.48
C PHE B 45 -0.91 15.28 -0.78
N LYS B 46 -0.32 15.79 -1.88
CA LYS B 46 -0.44 15.18 -3.20
C LYS B 46 0.48 13.97 -3.33
N ILE B 47 -0.12 12.81 -3.57
CA ILE B 47 0.61 11.55 -3.77
C ILE B 47 0.34 11.05 -5.19
N ASP B 48 1.39 10.98 -6.01
CA ASP B 48 1.25 10.54 -7.40
C ASP B 48 1.65 9.09 -7.56
N ARG B 49 0.90 8.34 -8.37
CA ARG B 49 1.15 6.93 -8.62
C ARG B 49 1.84 6.70 -9.97
N ASP B 50 2.61 5.59 -10.06
CA ASP B 50 3.34 5.13 -11.24
C ASP B 50 4.21 6.23 -11.85
N VAL B 51 4.93 6.95 -10.98
CA VAL B 51 5.83 8.04 -11.36
C VAL B 51 7.20 7.43 -11.78
N PRO B 52 7.83 7.87 -12.90
CA PRO B 52 9.15 7.31 -13.25
C PRO B 52 10.20 7.97 -12.37
N VAL B 53 11.11 7.15 -11.83
CA VAL B 53 12.15 7.63 -10.94
C VAL B 53 13.52 7.08 -11.33
N ALA B 54 14.57 7.73 -10.83
CA ALA B 54 15.95 7.30 -11.01
C ALA B 54 16.64 7.44 -9.67
N LEU B 55 17.35 6.38 -9.25
CA LEU B 55 18.13 6.39 -8.00
C LEU B 55 19.58 6.44 -8.45
N GLN B 56 20.28 7.54 -8.14
CA GLN B 56 21.67 7.69 -8.53
C GLN B 56 22.58 7.59 -7.31
N GLN B 57 23.63 6.77 -7.39
CA GLN B 57 24.57 6.63 -6.29
C GLN B 57 25.95 7.03 -6.79
N GLN B 58 26.54 8.04 -6.14
CA GLN B 58 27.88 8.52 -6.52
C GLN B 58 28.81 8.14 -5.36
N MET B 59 29.87 7.41 -5.66
CA MET B 59 30.79 6.89 -4.66
C MET B 59 32.20 7.38 -4.95
N SER B 60 32.92 7.80 -3.91
CA SER B 60 34.32 8.24 -4.09
C SER B 60 35.11 7.87 -2.86
N VAL B 61 36.41 7.67 -3.01
CA VAL B 61 37.29 7.30 -1.89
C VAL B 61 37.79 8.58 -1.25
N GLU B 62 37.82 8.62 0.09
CA GLU B 62 38.23 9.76 0.89
C GLU B 62 39.16 9.26 2.01
N ALA B 63 39.75 10.18 2.75
CA ALA B 63 40.57 9.88 3.93
C ALA B 63 39.59 9.55 5.09
N PRO B 64 39.91 8.62 6.03
CA PRO B 64 41.14 7.81 6.11
C PRO B 64 41.12 6.54 5.23
N SER B 65 42.15 6.38 4.40
CA SER B 65 42.33 5.19 3.59
C SER B 65 43.83 4.90 3.65
N ASN B 66 44.20 3.64 3.81
CA ASN B 66 45.60 3.22 3.95
C ASN B 66 45.74 1.78 3.54
N ALA B 67 46.79 1.07 4.03
CA ALA B 67 47.00 -0.33 3.64
C ALA B 67 45.88 -1.25 4.13
N ASP B 68 45.20 -0.90 5.25
CA ASP B 68 44.21 -1.75 5.89
C ASP B 68 42.76 -1.37 5.61
N VAL B 69 42.48 -0.06 5.57
CA VAL B 69 41.10 0.46 5.47
C VAL B 69 40.87 1.38 4.27
N VAL B 70 39.59 1.50 3.86
CA VAL B 70 39.23 2.42 2.78
C VAL B 70 37.93 3.13 3.21
N THR B 71 37.85 4.44 2.99
CA THR B 71 36.66 5.22 3.33
C THR B 71 35.95 5.64 2.06
N PHE B 72 34.64 5.37 2.00
CA PHE B 72 33.83 5.81 0.87
C PHE B 72 32.88 6.88 1.32
N GLN B 73 32.72 7.92 0.50
CA GLN B 73 31.71 8.94 0.69
C GLN B 73 30.71 8.63 -0.42
N VAL B 74 29.44 8.45 -0.06
CA VAL B 74 28.42 8.03 -1.01
C VAL B 74 27.28 9.03 -0.98
N GLY B 75 26.96 9.59 -2.12
CA GLY B 75 25.83 10.54 -2.25
C GLY B 75 24.77 9.83 -3.05
N THR B 76 23.55 9.72 -2.50
CA THR B 76 22.47 9.00 -3.16
C THR B 76 21.29 9.93 -3.29
N THR B 77 20.65 9.92 -4.47
CA THR B 77 19.44 10.72 -4.68
C THR B 77 18.40 9.88 -5.42
N LEU B 78 17.13 10.10 -5.09
CA LEU B 78 16.01 9.50 -5.81
C LEU B 78 15.24 10.67 -6.37
N ARG B 79 15.06 10.72 -7.68
CA ARG B 79 14.34 11.81 -8.28
C ARG B 79 13.34 11.36 -9.31
N ARG B 80 12.29 12.14 -9.51
CA ARG B 80 11.30 11.89 -10.56
C ARG B 80 11.96 12.26 -11.88
N THR B 81 11.80 11.44 -12.91
CA THR B 81 12.39 11.73 -14.22
C THR B 81 11.37 12.39 -15.17
N ASP B 82 10.21 12.81 -14.66
CA ASP B 82 9.21 13.56 -15.43
C ASP B 82 9.25 15.02 -14.92
N ARG B 83 10.42 15.42 -14.37
CA ARG B 83 10.63 16.77 -13.87
C ARG B 83 12.02 17.19 -14.28
N GLN B 84 12.29 18.51 -14.26
CA GLN B 84 13.62 19.04 -14.53
C GLN B 84 14.44 18.91 -13.23
N GLN B 85 15.73 19.23 -13.23
CA GLN B 85 16.61 18.99 -12.07
C GLN B 85 16.31 19.78 -10.81
N ASP B 86 15.69 20.95 -10.93
CA ASP B 86 15.39 21.79 -9.76
C ASP B 86 14.14 21.33 -9.06
N ALA B 87 13.47 20.34 -9.67
CA ALA B 87 12.21 19.81 -9.15
C ALA B 87 12.30 18.27 -9.06
N GLY B 88 11.29 17.66 -8.45
CA GLY B 88 11.21 16.20 -8.40
C GLY B 88 12.19 15.45 -7.52
N LEU B 89 12.95 16.14 -6.64
CA LEU B 89 13.86 15.40 -5.72
C LEU B 89 13.00 14.77 -4.63
N LEU B 90 13.12 13.44 -4.46
CA LEU B 90 12.32 12.75 -3.45
C LEU B 90 13.09 12.39 -2.21
N LEU B 91 14.33 11.91 -2.38
CA LEU B 91 15.18 11.46 -1.27
C LEU B 91 16.62 11.83 -1.57
N ALA B 92 17.37 12.17 -0.53
CA ALA B 92 18.80 12.46 -0.69
C ALA B 92 19.50 12.02 0.57
N LEU B 93 20.62 11.31 0.40
CA LEU B 93 21.36 10.77 1.55
C LEU B 93 22.85 10.96 1.25
N VAL B 94 23.64 11.38 2.25
CA VAL B 94 25.09 11.44 2.10
C VAL B 94 25.57 10.51 3.22
N ASP B 95 26.41 9.53 2.88
CA ASP B 95 26.86 8.53 3.85
C ASP B 95 28.38 8.41 3.76
N THR B 96 29.05 8.17 4.89
CA THR B 96 30.50 7.98 4.89
C THR B 96 30.76 6.74 5.72
N VAL B 97 31.53 5.80 5.15
CA VAL B 97 31.83 4.56 5.88
C VAL B 97 33.29 4.18 5.65
N THR B 98 33.95 3.69 6.71
CA THR B 98 35.32 3.17 6.59
C THR B 98 35.18 1.66 6.70
N MET B 99 35.77 0.94 5.75
CA MET B 99 35.69 -0.51 5.76
C MET B 99 37.04 -1.18 5.61
N ASN B 100 37.14 -2.42 6.08
CA ASN B 100 38.35 -3.25 5.93
C ASN B 100 38.53 -3.57 4.45
N ARG B 101 39.75 -3.34 3.91
CA ARG B 101 40.01 -3.49 2.47
C ARG B 101 39.92 -4.92 1.94
N ASN B 102 39.93 -5.96 2.75
CA ASN B 102 39.79 -7.31 2.23
C ASN B 102 38.43 -7.89 2.50
N THR B 103 37.84 -7.57 3.66
CA THR B 103 36.55 -8.17 4.02
C THR B 103 35.35 -7.31 3.65
N ALA B 104 35.57 -6.02 3.35
CA ALA B 104 34.52 -5.02 3.06
C ALA B 104 33.61 -4.73 4.27
N GLU B 105 33.96 -5.23 5.47
CA GLU B 105 33.15 -5.00 6.67
C GLU B 105 33.45 -3.65 7.25
N ALA B 106 32.41 -2.94 7.76
CA ALA B 106 32.58 -1.60 8.34
C ALA B 106 33.48 -1.71 9.59
N VAL B 107 34.40 -0.76 9.75
CA VAL B 107 35.30 -0.77 10.92
C VAL B 107 35.19 0.54 11.72
N ASN B 131 32.05 13.67 18.14
CA ASN B 131 32.40 13.16 19.46
C ASN B 131 31.80 11.76 19.72
N ILE B 132 30.46 11.60 19.67
CA ILE B 132 29.76 10.32 19.90
C ILE B 132 28.84 10.07 18.71
N ALA B 133 28.92 8.88 18.11
CA ALA B 133 28.13 8.60 16.93
C ALA B 133 27.71 7.14 16.84
N LEU B 134 26.69 6.87 15.96
CA LEU B 134 26.23 5.51 15.70
C LEU B 134 27.15 4.94 14.63
N PRO B 135 27.77 3.76 14.82
CA PRO B 135 28.64 3.25 13.75
C PRO B 135 27.86 2.47 12.67
N HIS B 136 28.51 2.21 11.52
CA HIS B 136 27.97 1.26 10.52
C HIS B 136 28.41 -0.11 11.00
N GLU B 137 27.74 -1.15 10.51
CA GLU B 137 28.14 -2.52 10.83
C GLU B 137 27.86 -3.43 9.65
N GLY B 138 28.75 -4.36 9.43
CA GLY B 138 28.64 -5.33 8.35
C GLY B 138 28.94 -4.71 7.00
N LEU B 139 28.42 -5.33 5.95
CA LEU B 139 28.60 -4.86 4.58
C LEU B 139 27.75 -3.64 4.33
N THR B 140 28.20 -2.74 3.43
CA THR B 140 27.47 -1.52 3.10
C THR B 140 27.35 -1.32 1.58
N TYR B 141 28.47 -1.44 0.83
CA TYR B 141 28.48 -1.15 -0.60
C TYR B 141 29.17 -2.17 -1.46
N ARG B 142 29.71 -3.22 -0.84
CA ARG B 142 30.49 -4.23 -1.54
C ARG B 142 30.50 -5.50 -0.72
N PHE B 143 30.71 -6.65 -1.38
CA PHE B 143 30.82 -7.90 -0.66
C PHE B 143 32.30 -8.22 -0.53
N PRO B 144 32.72 -9.17 0.34
CA PRO B 144 34.17 -9.45 0.44
C PRO B 144 34.75 -10.14 -0.79
N PHE B 145 36.09 -10.16 -0.90
CA PHE B 145 36.71 -10.97 -1.96
C PHE B 145 36.40 -12.41 -1.64
N ASP B 146 36.23 -13.25 -2.68
CA ASP B 146 35.95 -14.68 -2.50
C ASP B 146 34.66 -14.85 -1.69
N THR B 147 33.59 -14.16 -2.13
CA THR B 147 32.27 -14.24 -1.50
C THR B 147 31.81 -15.71 -1.53
N GLU B 148 31.20 -16.17 -0.45
CA GLU B 148 30.73 -17.56 -0.28
C GLU B 148 29.22 -17.62 -0.37
N LYS B 149 28.68 -18.83 -0.58
CA LYS B 149 27.24 -19.09 -0.61
C LYS B 149 26.70 -19.18 0.83
N LYS B 150 26.66 -18.05 1.54
CA LYS B 150 26.22 -17.99 2.93
C LYS B 150 25.58 -16.63 3.22
N THR B 151 25.02 -16.48 4.41
CA THR B 151 24.40 -15.24 4.85
C THR B 151 25.48 -14.24 5.26
N TYR B 152 25.30 -12.97 4.87
CA TYR B 152 26.19 -11.88 5.28
C TYR B 152 25.36 -10.79 5.99
N PRO B 153 25.91 -10.11 7.02
CA PRO B 153 25.19 -8.97 7.62
C PRO B 153 25.29 -7.77 6.68
N PHE B 154 24.16 -7.17 6.32
CA PHE B 154 24.20 -6.06 5.36
C PHE B 154 23.46 -4.85 5.99
N PHE B 155 24.16 -3.73 6.13
CA PHE B 155 23.66 -2.55 6.84
C PHE B 155 22.48 -1.89 6.15
N ASP B 156 21.48 -1.50 6.96
CA ASP B 156 20.33 -0.73 6.49
C ASP B 156 20.44 0.65 7.17
N PRO B 157 20.63 1.76 6.42
CA PRO B 157 20.84 3.05 7.08
C PRO B 157 19.65 3.63 7.86
N ILE B 158 18.41 3.22 7.54
CA ILE B 158 17.24 3.69 8.30
C ILE B 158 17.13 2.90 9.58
N ALA B 159 17.23 1.56 9.51
CA ALA B 159 17.23 0.74 10.72
C ALA B 159 18.51 0.98 11.57
N GLN B 160 19.61 1.49 10.95
CA GLN B 160 20.91 1.78 11.61
C GLN B 160 21.50 0.48 12.22
N LYS B 161 21.20 -0.67 11.60
CA LYS B 161 21.58 -2.02 12.02
C LYS B 161 21.71 -2.83 10.75
N ALA B 162 22.41 -3.95 10.85
CA ALA B 162 22.55 -4.88 9.75
C ALA B 162 21.42 -5.90 9.81
N PHE B 163 20.97 -6.32 8.62
CA PHE B 163 19.95 -7.34 8.41
C PHE B 163 20.58 -8.38 7.52
N ASP B 164 20.12 -9.63 7.62
CA ASP B 164 20.67 -10.71 6.82
C ASP B 164 20.52 -10.51 5.34
N ALA B 165 21.60 -10.72 4.57
CA ALA B 165 21.55 -10.78 3.10
C ALA B 165 21.78 -12.29 2.82
N ASN B 166 20.71 -13.02 2.52
CA ASN B 166 20.76 -14.47 2.34
C ASN B 166 21.08 -14.89 0.94
N TYR B 167 21.91 -15.91 0.81
CA TYR B 167 22.25 -16.47 -0.50
C TYR B 167 21.02 -17.04 -1.16
N ASP B 168 20.79 -16.67 -2.41
CA ASP B 168 19.57 -17.03 -3.13
C ASP B 168 19.78 -17.82 -4.44
N GLY B 169 21.02 -18.05 -4.84
CA GLY B 169 21.31 -18.81 -6.06
C GLY B 169 22.31 -18.12 -6.96
N GLU B 170 22.66 -18.78 -8.07
CA GLU B 170 23.61 -18.26 -9.06
C GLU B 170 22.83 -17.71 -10.23
N GLU B 171 23.35 -16.65 -10.87
CA GLU B 171 22.71 -16.07 -12.03
C GLU B 171 23.74 -15.41 -12.92
N ASP B 172 23.65 -15.63 -14.25
CA ASP B 172 24.57 -14.96 -15.18
C ASP B 172 24.13 -13.52 -15.45
N VAL B 173 25.06 -12.57 -15.27
CA VAL B 173 24.81 -11.15 -15.49
C VAL B 173 25.85 -10.69 -16.52
N ASN B 174 25.41 -10.41 -17.76
CA ASN B 174 26.30 -9.99 -18.85
C ASN B 174 27.50 -10.94 -19.06
N GLY B 175 27.24 -12.25 -18.99
CA GLY B 175 28.27 -13.27 -19.16
C GLY B 175 29.10 -13.61 -17.94
N LEU B 176 28.87 -12.92 -16.81
CA LEU B 176 29.58 -13.16 -15.56
C LEU B 176 28.67 -13.98 -14.62
N THR B 177 29.16 -15.11 -14.06
CA THR B 177 28.32 -15.87 -13.13
C THR B 177 28.36 -15.16 -11.79
N THR B 178 27.21 -14.74 -11.31
CA THR B 178 27.12 -14.02 -10.04
C THR B 178 26.42 -14.81 -8.97
N TYR B 179 26.59 -14.40 -7.70
CA TYR B 179 25.81 -14.99 -6.60
C TYR B 179 24.73 -13.94 -6.26
N ARG B 180 23.48 -14.40 -6.19
CA ARG B 180 22.36 -13.54 -5.86
C ARG B 180 22.13 -13.59 -4.34
N PHE B 181 21.96 -12.42 -3.70
CA PHE B 181 21.64 -12.33 -2.25
C PHE B 181 20.42 -11.48 -2.06
N VAL B 182 19.58 -11.86 -1.07
CA VAL B 182 18.34 -11.14 -0.81
C VAL B 182 18.34 -10.65 0.63
N GLN B 183 18.05 -9.34 0.81
CA GLN B 183 17.99 -8.71 2.13
C GLN B 183 16.58 -8.16 2.32
N ASN B 184 15.87 -8.59 3.37
CA ASN B 184 14.54 -8.09 3.68
C ASN B 184 14.60 -7.34 5.00
N VAL B 185 14.07 -6.13 5.00
CA VAL B 185 14.03 -5.27 6.19
C VAL B 185 12.54 -4.94 6.45
N GLY B 186 11.93 -5.67 7.37
CA GLY B 186 10.50 -5.42 7.65
C GLY B 186 9.53 -6.30 6.86
N TYR B 187 10.03 -7.01 5.84
CA TYR B 187 9.23 -7.98 5.08
C TYR B 187 9.68 -9.36 5.53
N ASP B 188 8.77 -10.34 5.51
CA ASP B 188 9.16 -11.71 5.89
C ASP B 188 9.73 -12.46 4.68
N ALA B 189 10.11 -13.75 4.86
CA ALA B 189 10.67 -14.61 3.80
C ALA B 189 9.74 -14.73 2.56
N ASP B 190 8.41 -14.61 2.75
CA ASP B 190 7.42 -14.66 1.67
C ASP B 190 7.13 -13.27 1.03
N GLY B 191 7.80 -12.23 1.50
CA GLY B 191 7.64 -10.88 0.99
C GLY B 191 6.43 -10.13 1.54
N LYS B 192 5.84 -10.61 2.64
CA LYS B 192 4.69 -9.93 3.24
C LYS B 192 5.18 -8.92 4.28
N LEU B 193 4.53 -7.75 4.36
CA LEU B 193 4.88 -6.70 5.34
C LEU B 193 4.69 -7.34 6.73
N ALA B 194 5.74 -7.34 7.59
CA ALA B 194 5.63 -8.06 8.86
C ALA B 194 6.17 -7.31 10.06
N ASP B 195 7.35 -6.72 9.93
CA ASP B 195 7.90 -5.95 11.08
C ASP B 195 8.53 -4.65 10.60
N PRO B 196 7.73 -3.73 10.04
CA PRO B 196 8.30 -2.45 9.56
C PRO B 196 8.93 -1.66 10.68
N ILE B 197 9.95 -0.90 10.34
CA ILE B 197 10.69 -0.11 11.29
C ILE B 197 9.92 1.18 11.58
N LYS B 198 9.62 1.48 12.84
CA LYS B 198 9.05 2.79 13.18
C LYS B 198 10.28 3.74 13.21
N TYR B 199 10.25 4.85 12.50
CA TYR B 199 11.47 5.68 12.48
C TYR B 199 11.20 7.16 12.58
N SER B 200 12.26 7.93 12.88
CA SER B 200 12.16 9.38 12.93
C SER B 200 13.19 9.93 11.95
N ALA B 207 13.70 14.91 15.12
CA ALA B 207 13.75 13.46 15.33
C ALA B 207 12.40 12.93 15.86
N ASP B 208 11.31 13.30 15.14
CA ASP B 208 9.94 12.87 15.47
C ASP B 208 9.47 11.72 14.58
N ALA B 209 8.95 10.66 15.22
CA ALA B 209 8.47 9.45 14.57
C ALA B 209 6.95 9.52 14.41
N SER B 210 6.32 10.61 14.90
CA SER B 210 4.87 10.81 14.82
C SER B 210 4.52 12.15 14.21
N VAL B 211 3.40 12.20 13.45
CA VAL B 211 2.91 13.43 12.79
C VAL B 211 1.40 13.51 13.12
N THR B 212 0.93 14.70 13.53
CA THR B 212 -0.49 14.94 13.82
C THR B 212 -1.02 15.93 12.81
N ALA B 213 -2.17 15.61 12.18
CA ALA B 213 -2.80 16.51 11.19
C ALA B 213 -4.28 16.14 11.09
N ARG B 214 -5.10 17.07 10.62
CA ARG B 214 -6.54 16.82 10.41
C ARG B 214 -6.70 15.75 9.30
N ALA B 215 -7.79 14.96 9.33
CA ALA B 215 -8.05 13.94 8.31
C ALA B 215 -8.04 14.53 6.89
N GLU B 216 -8.55 15.77 6.71
CA GLU B 216 -8.58 16.39 5.38
C GLU B 216 -7.18 16.77 4.91
N VAL B 217 -6.23 17.00 5.83
CA VAL B 217 -4.83 17.32 5.46
C VAL B 217 -4.14 16.01 5.00
N TRP B 218 -4.32 14.92 5.78
CA TRP B 218 -3.80 13.60 5.40
C TRP B 218 -4.44 13.07 4.12
N GLY B 219 -5.71 13.43 3.91
CA GLY B 219 -6.50 12.92 2.80
C GLY B 219 -7.12 11.59 3.18
N VAL B 220 -7.43 11.42 4.48
CA VAL B 220 -8.07 10.21 5.02
C VAL B 220 -9.59 10.47 4.95
N PRO B 221 -10.44 9.48 4.55
CA PRO B 221 -11.89 9.74 4.50
C PRO B 221 -12.52 10.02 5.87
N GLY B 222 -13.78 10.44 5.85
CA GLY B 222 -14.54 10.68 7.07
C GLY B 222 -14.54 12.14 7.45
N GLU B 223 -14.84 12.41 8.74
CA GLU B 223 -14.92 13.76 9.31
C GLU B 223 -13.63 14.50 8.95
N PRO B 224 -13.73 15.58 8.16
CA PRO B 224 -12.48 16.28 7.73
C PRO B 224 -11.68 16.93 8.85
N ASP B 225 -12.33 17.23 9.96
CA ASP B 225 -11.71 17.89 11.11
C ASP B 225 -11.18 16.94 12.19
N GLU B 226 -11.28 15.61 11.99
CA GLU B 226 -10.77 14.63 12.94
C GLU B 226 -9.22 14.79 13.04
N SER B 227 -8.69 14.95 14.25
CA SER B 227 -7.23 15.04 14.41
C SER B 227 -6.70 13.61 14.41
N ILE B 228 -5.70 13.32 13.56
CA ILE B 228 -5.16 11.95 13.47
C ILE B 228 -3.65 12.00 13.64
N THR B 229 -3.14 11.21 14.59
CA THR B 229 -1.68 11.07 14.80
C THR B 229 -1.25 9.77 14.13
N MET B 230 -0.28 9.84 13.22
CA MET B 230 0.24 8.63 12.55
C MET B 230 1.72 8.48 12.84
N ASP B 231 2.21 7.25 12.92
CA ASP B 231 3.65 6.98 13.08
C ASP B 231 4.27 6.77 11.71
N ARG B 232 5.58 7.09 11.57
CA ARG B 232 6.33 6.88 10.32
C ARG B 232 6.88 5.47 10.32
N PHE B 233 6.66 4.72 9.22
CA PHE B 233 7.18 3.36 9.09
C PHE B 233 7.96 3.17 7.83
N TYR B 234 8.93 2.26 7.88
CA TYR B 234 9.78 1.92 6.76
C TYR B 234 9.95 0.42 6.61
N ALA B 235 9.97 -0.03 5.36
CA ALA B 235 10.29 -1.40 5.04
C ALA B 235 10.98 -1.43 3.69
N ALA B 236 11.90 -2.37 3.51
CA ALA B 236 12.65 -2.45 2.26
C ALA B 236 13.04 -3.87 1.93
N SER B 237 13.28 -4.12 0.63
CA SER B 237 13.77 -5.41 0.17
C SER B 237 14.78 -5.10 -0.91
N ARG B 238 15.96 -5.69 -0.83
CA ARG B 238 17.00 -5.49 -1.82
C ARG B 238 17.51 -6.83 -2.32
N THR B 239 17.85 -6.89 -3.60
CA THR B 239 18.52 -8.07 -4.18
C THR B 239 19.84 -7.56 -4.73
N PHE B 240 20.94 -8.28 -4.45
CA PHE B 240 22.26 -7.92 -4.95
C PHE B 240 22.76 -9.05 -5.81
N TRP B 241 23.40 -8.73 -6.94
CA TRP B 241 24.05 -9.73 -7.80
C TRP B 241 25.52 -9.43 -7.63
N VAL B 242 26.28 -10.41 -7.11
CA VAL B 242 27.66 -10.22 -6.69
C VAL B 242 28.68 -11.02 -7.51
N ASP B 243 29.78 -10.38 -7.97
CA ASP B 243 30.88 -11.13 -8.60
C ASP B 243 31.57 -11.86 -7.42
N PRO B 244 31.56 -13.22 -7.35
CA PRO B 244 32.15 -13.87 -6.17
C PRO B 244 33.64 -13.62 -5.96
N VAL B 245 34.40 -13.39 -7.04
CA VAL B 245 35.84 -13.14 -6.91
C VAL B 245 36.15 -11.78 -6.28
N SER B 246 35.72 -10.68 -6.94
CA SER B 246 36.02 -9.32 -6.43
C SER B 246 35.06 -8.83 -5.34
N GLY B 247 33.88 -9.44 -5.24
CA GLY B 247 32.88 -8.96 -4.31
C GLY B 247 32.10 -7.76 -4.83
N THR B 248 32.36 -7.33 -6.09
CA THR B 248 31.64 -6.19 -6.66
C THR B 248 30.14 -6.51 -6.77
N ILE B 249 29.27 -5.56 -6.34
CA ILE B 249 27.83 -5.69 -6.56
C ILE B 249 27.61 -5.14 -7.97
N VAL B 250 27.40 -6.03 -8.93
CA VAL B 250 27.29 -5.62 -10.34
C VAL B 250 25.90 -5.13 -10.70
N LYS B 251 24.88 -5.55 -9.93
CA LYS B 251 23.50 -5.16 -10.19
C LYS B 251 22.77 -5.22 -8.87
N SER B 252 21.78 -4.37 -8.71
CA SER B 252 20.95 -4.41 -7.50
C SER B 252 19.53 -4.02 -7.83
N GLU B 253 18.59 -4.53 -7.05
CA GLU B 253 17.18 -4.20 -7.20
C GLU B 253 16.76 -3.76 -5.82
N GLU B 254 16.07 -2.64 -5.72
CA GLU B 254 15.66 -2.14 -4.40
C GLU B 254 14.21 -1.73 -4.38
N HIS B 255 13.47 -2.20 -3.37
CA HIS B 255 12.11 -1.81 -3.10
C HIS B 255 12.17 -1.08 -1.75
N GLY B 256 11.89 0.21 -1.75
CA GLY B 256 11.91 0.98 -0.52
C GLY B 256 10.52 1.52 -0.27
N TYR B 257 10.00 1.38 0.98
CA TYR B 257 8.64 1.79 1.28
C TYR B 257 8.59 2.58 2.56
N GLN B 258 8.27 3.88 2.47
CA GLN B 258 8.13 4.74 3.65
C GLN B 258 6.71 5.24 3.67
N TYR B 259 6.02 5.07 4.80
CA TYR B 259 4.61 5.44 4.88
C TYR B 259 4.23 5.90 6.28
N TYR B 260 2.99 6.36 6.42
CA TYR B 260 2.40 6.79 7.71
C TYR B 260 1.22 5.91 8.01
N ALA B 261 1.07 5.51 9.29
CA ALA B 261 -0.06 4.68 9.70
C ALA B 261 -0.32 4.78 11.17
N ARG B 262 -1.56 4.53 11.61
CA ARG B 262 -1.90 4.41 13.03
C ARG B 262 -1.49 3.03 13.50
N GLU B 263 -1.53 2.03 12.60
CA GLU B 263 -1.14 0.65 12.89
C GLU B 263 -0.13 0.20 11.82
N ALA B 264 1.03 -0.31 12.26
CA ALA B 264 2.13 -0.73 11.40
C ALA B 264 1.70 -1.54 10.18
N LEU B 265 0.81 -2.55 10.37
CA LEU B 265 0.43 -3.43 9.26
C LEU B 265 -0.78 -2.95 8.47
N LYS B 266 -1.24 -1.72 8.72
CA LYS B 266 -2.34 -1.13 7.95
C LYS B 266 -1.88 0.23 7.40
N PRO B 267 -0.96 0.25 6.39
CA PRO B 267 -0.47 1.54 5.88
C PRO B 267 -1.62 2.45 5.46
N GLU B 268 -1.52 3.74 5.76
CA GLU B 268 -2.60 4.69 5.42
C GLU B 268 -2.22 5.70 4.36
N VAL B 269 -1.01 6.28 4.47
CA VAL B 269 -0.59 7.32 3.52
C VAL B 269 0.86 7.00 3.10
N THR B 270 1.11 6.88 1.80
CA THR B 270 2.48 6.63 1.32
C THR B 270 3.30 7.92 1.32
N TYR B 271 4.58 7.86 1.73
CA TYR B 271 5.50 9.00 1.62
C TYR B 271 6.28 8.73 0.32
N VAL B 272 7.05 7.62 0.28
CA VAL B 272 7.79 7.21 -0.94
C VAL B 272 7.73 5.67 -1.00
N ASP B 273 7.23 5.09 -2.10
CA ASP B 273 7.17 3.64 -2.35
C ASP B 273 7.78 3.39 -3.72
N PHE B 274 9.06 3.02 -3.77
CA PHE B 274 9.73 2.86 -5.07
C PHE B 274 10.30 1.49 -5.30
N LYS B 275 10.46 1.13 -6.58
CA LYS B 275 11.09 -0.13 -7.00
C LYS B 275 12.00 0.21 -8.17
N VAL B 276 13.32 0.03 -7.99
CA VAL B 276 14.31 0.40 -9.03
C VAL B 276 15.28 -0.76 -9.25
N THR B 277 15.90 -0.81 -10.43
CA THR B 277 16.92 -1.82 -10.76
C THR B 277 18.04 -1.11 -11.49
N THR B 278 19.32 -1.46 -11.21
CA THR B 278 20.49 -0.87 -11.89
C THR B 278 20.24 -0.90 -13.41
N ASN B 279 20.48 0.23 -14.08
CA ASN B 279 20.25 0.27 -15.55
C ASN B 279 21.35 -0.49 -16.29
N GLU B 280 21.10 -0.84 -17.57
CA GLU B 280 22.02 -1.59 -18.41
C GLU B 280 23.41 -1.01 -18.45
N GLU B 281 23.53 0.32 -18.62
CA GLU B 281 24.81 1.02 -18.68
C GLU B 281 25.60 0.86 -17.39
N SER B 282 24.92 0.99 -16.24
CA SER B 282 25.57 0.86 -14.94
C SER B 282 25.98 -0.58 -14.67
N VAL B 283 25.15 -1.57 -15.08
CA VAL B 283 25.52 -2.99 -14.96
C VAL B 283 26.77 -3.24 -15.79
N GLU B 284 26.79 -2.74 -17.04
CA GLU B 284 27.95 -2.93 -17.95
C GLU B 284 29.20 -2.34 -17.34
N SER B 285 29.10 -1.14 -16.75
CA SER B 285 30.22 -0.47 -16.09
C SER B 285 30.74 -1.31 -14.92
N GLN B 286 29.85 -1.85 -14.08
CA GLN B 286 30.25 -2.69 -12.91
C GLN B 286 30.84 -4.04 -13.33
N VAL B 287 30.28 -4.68 -14.35
CA VAL B 287 30.81 -5.97 -14.85
C VAL B 287 32.23 -5.74 -15.40
N ALA B 288 32.44 -4.60 -16.12
CA ALA B 288 33.77 -4.23 -16.64
C ALA B 288 34.74 -3.98 -15.49
N ALA B 289 34.32 -3.24 -14.43
CA ALA B 289 35.16 -2.99 -13.26
C ALA B 289 35.48 -4.29 -12.55
N ALA B 290 34.49 -5.20 -12.35
CA ALA B 290 34.74 -6.49 -11.70
C ALA B 290 35.74 -7.32 -12.51
N SER B 291 35.57 -7.34 -13.86
CA SER B 291 36.45 -8.09 -14.77
CA SER B 291 36.44 -8.08 -14.79
C SER B 291 37.89 -7.58 -14.69
N ASP B 292 38.08 -6.24 -14.62
CA ASP B 292 39.40 -5.62 -14.49
C ASP B 292 40.02 -6.02 -13.19
N GLU B 293 39.24 -6.01 -12.07
CA GLU B 293 39.72 -6.43 -10.76
C GLU B 293 40.13 -7.91 -10.75
N ARG B 294 39.32 -8.80 -11.37
CA ARG B 294 39.62 -10.23 -11.49
C ARG B 294 40.95 -10.43 -12.24
N ASP B 295 41.15 -9.70 -13.36
CA ASP B 295 42.41 -9.76 -14.15
C ASP B 295 43.62 -9.32 -13.32
N ARG B 296 43.46 -8.31 -12.46
CA ARG B 296 44.53 -7.83 -11.58
C ARG B 296 44.82 -8.84 -10.48
N ILE B 297 43.79 -9.45 -9.87
CA ILE B 297 43.98 -10.47 -8.84
C ILE B 297 44.71 -11.69 -9.41
N ALA B 298 44.31 -12.13 -10.60
CA ALA B 298 44.88 -13.29 -11.31
C ALA B 298 46.33 -13.07 -11.64
N LEU B 299 46.68 -11.83 -12.04
CA LEU B 299 48.06 -11.46 -12.39
C LEU B 299 48.91 -11.56 -11.14
N TRP B 300 48.42 -10.97 -10.01
CA TRP B 300 49.13 -10.99 -8.73
C TRP B 300 49.21 -12.42 -8.19
N THR B 301 48.13 -13.22 -8.38
CA THR B 301 48.01 -14.64 -7.98
C THR B 301 48.98 -15.53 -8.78
N ARG B 302 48.98 -15.41 -10.14
CA ARG B 302 49.83 -16.22 -11.01
C ARG B 302 51.31 -15.94 -10.80
#